data_6A5M
#
_entry.id   6A5M
#
_cell.length_a   57.546
_cell.length_b   77.098
_cell.length_c   66.820
_cell.angle_alpha   90.00
_cell.angle_beta   110.63
_cell.angle_gamma   90.00
#
_symmetry.space_group_name_H-M   'P 1 21 1'
#
loop_
_entity.id
_entity.type
_entity.pdbx_description
1 polymer 'Histone-lysine N-methyltransferase, H3 lysine-9 specific SUVH6'
2 non-polymer 'ZINC ION'
3 non-polymer S-ADENOSYLMETHIONINE
4 water water
#
_entity_poly.entity_id   1
_entity_poly.type   'polypeptide(L)'
_entity_poly.pdbx_seq_one_letter_code
;SSGDSSRNKVKETLRLFHGVCRKILQEDEAKPEDQRRKGKGLRIDFEASTILKRNGKFLNSGVHILGEVPGVEVGDEFQY
R(MSE)ELNILGIHKPSQAGIDY(MSE)KYGKAKVATSIVASGGYDDHLDNSDVLTYTGQGGNV(MSE)QVKKKGEELKE
PEDQKLITGNLALATSIEKQTPVRVIRGKHKSTHDKSKGGNYVYDGLYLVEKYWQQVGSHG(MSE)NVFKFQLRRIPGQP
ELSWVEVKKSKSKYREGLCKLDISEGKEQSPISAVNEIDDEKPPLFTYTVKLIYPDWCRPVPPKSCCCTTRCTEAEARVC
ACVEKNGGEIPYNFDGAIVGAKPTIYECGPLCKCPSSCYLRVTQHGIKLPLEIFKTKSRGWGVRCLKSIPIGSFICEYVG
ELLEDSEAERRIGNDEYLFDIGNRYDNSLAQG(MSE)SEL(MSE)LGTQAGRS(MSE)AEGDESSGFTIDAASKGNVGRF
INHSCSPNLYAQNVLYDHEDSRIPHV(MSE)FFAQDNIPPLQELCYDYNYALDQVRDSKGNIKQKLCFCGAAVCRRRLY
;
_entity_poly.pdbx_strand_id   A
#
# COMPACT_ATOMS: atom_id res chain seq x y z
N ASP A 4 5.14 -19.52 -7.44
CA ASP A 4 3.68 -19.62 -7.42
C ASP A 4 3.10 -18.87 -6.22
N SER A 5 3.31 -19.45 -5.04
CA SER A 5 2.96 -18.76 -3.79
C SER A 5 4.11 -17.85 -3.36
N SER A 6 5.16 -17.74 -4.18
CA SER A 6 6.31 -16.93 -3.82
C SER A 6 5.99 -15.43 -3.78
N ARG A 7 5.12 -14.96 -4.67
CA ARG A 7 4.62 -13.58 -4.60
C ARG A 7 3.96 -13.33 -3.23
N ASN A 8 3.05 -14.22 -2.84
CA ASN A 8 2.40 -14.14 -1.52
C ASN A 8 3.38 -14.25 -0.36
N LYS A 9 4.41 -15.07 -0.48
CA LYS A 9 5.34 -15.21 0.63
C LYS A 9 6.21 -13.95 0.77
N VAL A 10 6.50 -13.32 -0.36
CA VAL A 10 7.23 -12.05 -0.33
C VAL A 10 6.38 -10.95 0.33
N LYS A 11 5.16 -10.78 -0.16
CA LYS A 11 4.27 -9.76 0.40
C LYS A 11 3.99 -10.00 1.89
N GLU A 12 3.71 -11.24 2.27
CA GLU A 12 3.48 -11.55 3.68
C GLU A 12 4.70 -11.33 4.55
N THR A 13 5.89 -11.70 4.05
CA THR A 13 7.12 -11.42 4.76
C THR A 13 7.25 -9.93 5.07
N LEU A 14 6.99 -9.10 4.06
CA LEU A 14 7.08 -7.65 4.25
C LEU A 14 6.03 -7.17 5.26
N ARG A 15 4.85 -7.76 5.17
CA ARG A 15 3.71 -7.39 6.01
C ARG A 15 4.04 -7.67 7.49
N LEU A 16 4.69 -8.80 7.71
CA LEU A 16 5.14 -9.20 9.03
C LEU A 16 6.20 -8.21 9.55
N PHE A 17 7.17 -7.90 8.70
CA PHE A 17 8.20 -6.92 9.06
C PHE A 17 7.59 -5.57 9.49
N HIS A 18 6.71 -5.02 8.66
CA HIS A 18 6.13 -3.70 8.94
C HIS A 18 5.18 -3.72 10.13
N GLY A 19 4.44 -4.81 10.29
CA GLY A 19 3.62 -5.00 11.47
C GLY A 19 4.47 -4.90 12.73
N VAL A 20 5.61 -5.59 12.72
CA VAL A 20 6.49 -5.57 13.89
C VAL A 20 7.04 -4.16 14.12
N CYS A 21 7.46 -3.49 13.04
CA CYS A 21 7.89 -2.08 13.12
C CYS A 21 6.85 -1.16 13.77
N ARG A 22 5.60 -1.27 13.34
CA ARG A 22 4.57 -0.35 13.81
C ARG A 22 4.15 -0.69 15.24
N LYS A 23 4.32 -1.96 15.63
CA LYS A 23 4.09 -2.36 17.01
C LYS A 23 5.15 -1.75 17.93
N ILE A 24 6.41 -1.90 17.56
CA ILE A 24 7.50 -1.32 18.35
C ILE A 24 7.32 0.20 18.48
N LEU A 25 7.01 0.83 17.36
CA LEU A 25 6.80 2.26 17.35
C LEU A 25 5.61 2.66 18.22
N GLN A 26 4.51 1.91 18.15
CA GLN A 26 3.35 2.15 19.00
C GLN A 26 3.73 2.13 20.48
N GLU A 27 4.53 1.12 20.82
CA GLU A 27 5.07 0.97 22.15
C GLU A 27 5.86 2.22 22.57
N ASP A 28 6.69 2.75 21.68
CA ASP A 28 7.46 3.97 22.02
C ASP A 28 6.54 5.20 22.17
N GLU A 29 5.56 5.33 21.28
CA GLU A 29 4.63 6.45 21.26
C GLU A 29 3.70 6.42 22.48
N ALA A 30 3.57 5.27 23.14
CA ALA A 30 2.77 5.20 24.36
C ALA A 30 3.49 5.76 25.60
N LYS A 31 4.81 5.90 25.51
CA LYS A 31 5.62 6.42 26.63
C LYS A 31 5.56 7.94 26.72
N PRO A 32 5.74 8.49 27.93
CA PRO A 32 5.90 9.95 28.07
C PRO A 32 7.05 10.49 27.21
N GLU A 33 6.92 11.72 26.72
CA GLU A 33 7.89 12.29 25.78
C GLU A 33 9.33 12.20 26.30
N ASP A 34 9.48 12.27 27.63
CA ASP A 34 10.77 12.22 28.30
C ASP A 34 11.45 10.86 28.26
N GLN A 35 10.65 9.80 28.18
CA GLN A 35 11.19 8.44 28.15
C GLN A 35 11.15 7.77 26.78
N ARG A 36 10.87 8.54 25.72
CA ARG A 36 10.80 7.95 24.38
C ARG A 36 12.19 7.72 23.80
N ARG A 37 12.34 6.63 23.05
CA ARG A 37 13.64 6.27 22.50
C ARG A 37 13.83 6.83 21.09
N LYS A 38 12.74 7.30 20.48
CA LYS A 38 12.77 7.79 19.11
C LYS A 38 13.88 8.82 18.89
N GLY A 39 14.01 9.75 19.82
CA GLY A 39 15.13 10.67 19.80
C GLY A 39 16.46 9.96 19.96
N LYS A 40 16.61 9.22 21.05
CA LYS A 40 17.87 8.56 21.39
C LYS A 40 18.11 7.25 20.61
N GLY A 41 18.16 7.34 19.29
CA GLY A 41 18.59 6.23 18.47
C GLY A 41 17.72 4.97 18.45
N LEU A 42 16.41 5.16 18.41
CA LEU A 42 15.52 4.04 18.16
C LEU A 42 15.60 3.65 16.69
N ARG A 43 15.86 2.37 16.42
CA ARG A 43 15.89 1.84 15.06
C ARG A 43 14.89 0.72 14.92
N ILE A 44 13.62 1.05 14.71
CA ILE A 44 12.59 0.01 14.63
C ILE A 44 12.85 -0.96 13.48
N ASP A 45 13.47 -0.49 12.40
CA ASP A 45 13.76 -1.38 11.28
C ASP A 45 14.78 -2.43 11.68
N PHE A 46 15.76 -2.06 12.52
CA PHE A 46 16.79 -2.99 12.96
C PHE A 46 16.27 -3.99 13.99
N GLU A 47 15.40 -3.54 14.89
CA GLU A 47 14.78 -4.44 15.86
C GLU A 47 13.86 -5.43 15.18
N ALA A 48 13.00 -4.94 14.28
CA ALA A 48 12.11 -5.81 13.52
C ALA A 48 12.90 -6.81 12.69
N SER A 49 13.91 -6.30 12.01
CA SER A 49 14.84 -7.13 11.24
C SER A 49 15.41 -8.26 12.10
N THR A 50 15.93 -7.90 13.26
CA THR A 50 16.53 -8.87 14.17
C THR A 50 15.52 -9.93 14.60
N ILE A 51 14.32 -9.50 14.96
CA ILE A 51 13.25 -10.42 15.33
C ILE A 51 12.91 -11.40 14.21
N LEU A 52 12.81 -10.91 12.98
CA LEU A 52 12.46 -11.78 11.87
C LEU A 52 13.60 -12.76 11.55
N LYS A 53 14.83 -12.26 11.62
CA LYS A 53 16.01 -13.09 11.36
C LYS A 53 16.15 -14.22 12.36
N ARG A 54 15.96 -13.91 13.64
CA ARG A 54 16.11 -14.88 14.72
C ARG A 54 14.95 -15.91 14.73
N ASN A 55 13.91 -15.65 13.95
CA ASN A 55 12.80 -16.61 13.77
C ASN A 55 12.78 -17.23 12.38
N GLY A 56 13.86 -17.08 11.62
CA GLY A 56 13.98 -17.65 10.30
C GLY A 56 13.09 -17.09 9.20
N LYS A 57 12.71 -15.81 9.29
CA LYS A 57 11.78 -15.23 8.33
C LYS A 57 12.42 -14.66 7.07
N PHE A 58 13.74 -14.59 7.03
CA PHE A 58 14.43 -14.02 5.86
C PHE A 58 14.30 -14.96 4.66
N LEU A 59 14.03 -14.38 3.48
CA LEU A 59 13.97 -15.14 2.24
C LEU A 59 15.29 -15.09 1.47
N ASN A 60 15.63 -16.17 0.77
CA ASN A 60 16.85 -16.23 -0.07
C ASN A 60 18.13 -15.93 0.68
N SER A 61 18.22 -16.33 1.95
CA SER A 61 19.38 -16.02 2.78
C SER A 61 20.55 -16.92 2.42
N GLY A 62 21.71 -16.32 2.20
CA GLY A 62 22.91 -17.07 1.84
C GLY A 62 22.96 -17.53 0.39
N VAL A 63 22.05 -17.03 -0.43
CA VAL A 63 22.09 -17.35 -1.85
C VAL A 63 21.98 -16.09 -2.68
N HIS A 64 22.92 -15.91 -3.61
CA HIS A 64 22.86 -14.82 -4.54
C HIS A 64 22.02 -15.21 -5.75
N ILE A 65 21.22 -14.27 -6.22
CA ILE A 65 20.43 -14.46 -7.43
C ILE A 65 20.80 -13.41 -8.46
N LEU A 66 21.04 -13.89 -9.67
CA LEU A 66 21.25 -13.07 -10.85
C LEU A 66 19.95 -12.92 -11.62
N GLY A 67 19.56 -11.69 -11.93
CA GLY A 67 18.34 -11.46 -12.68
C GLY A 67 17.11 -11.37 -11.79
N GLU A 68 15.97 -11.84 -12.30
CA GLU A 68 14.69 -11.71 -11.59
C GLU A 68 14.62 -12.59 -10.34
N VAL A 69 14.18 -11.97 -9.24
CA VAL A 69 13.98 -12.66 -7.97
C VAL A 69 12.51 -13.10 -7.87
N PRO A 70 12.28 -14.38 -7.57
CA PRO A 70 10.90 -14.87 -7.48
C PRO A 70 10.09 -14.05 -6.46
N GLY A 71 8.88 -13.67 -6.85
CA GLY A 71 7.98 -12.94 -5.97
C GLY A 71 8.23 -11.45 -5.88
N VAL A 72 9.34 -10.98 -6.45
CA VAL A 72 9.63 -9.55 -6.50
C VAL A 72 9.40 -9.01 -7.91
N GLU A 73 8.55 -8.01 -8.02
CA GLU A 73 8.14 -7.51 -9.32
C GLU A 73 8.55 -6.06 -9.54
N VAL A 74 8.80 -5.74 -10.80
CA VAL A 74 9.16 -4.38 -11.22
C VAL A 74 8.15 -3.37 -10.71
N GLY A 75 8.65 -2.30 -10.08
CA GLY A 75 7.78 -1.28 -9.50
C GLY A 75 7.65 -1.41 -8.00
N ASP A 76 7.99 -2.57 -7.44
CA ASP A 76 7.86 -2.78 -6.00
C ASP A 76 8.60 -1.69 -5.21
N GLU A 77 7.98 -1.24 -4.13
CA GLU A 77 8.57 -0.19 -3.30
C GLU A 77 8.84 -0.67 -1.88
N PHE A 78 9.83 -0.07 -1.25
CA PHE A 78 10.21 -0.44 0.09
C PHE A 78 10.42 0.82 0.92
N GLN A 79 10.07 0.77 2.20
CA GLN A 79 10.29 1.91 3.07
C GLN A 79 11.70 1.92 3.65
N TYR A 80 12.22 0.73 3.94
CA TYR A 80 13.53 0.60 4.56
C TYR A 80 14.50 -0.19 3.70
N ARG A 81 15.76 0.25 3.67
CA ARG A 81 16.81 -0.47 2.96
C ARG A 81 16.93 -1.92 3.45
N GLU A 83 14.69 -3.96 4.13
CA GLU A 83 13.76 -4.84 3.41
C GLU A 83 14.46 -5.56 2.26
N LEU A 84 15.36 -4.85 1.59
CA LEU A 84 16.16 -5.43 0.52
C LEU A 84 16.99 -6.58 1.08
N ASN A 85 17.46 -6.42 2.31
CA ASN A 85 18.27 -7.45 2.97
C ASN A 85 17.40 -8.65 3.34
N ILE A 86 16.24 -8.38 3.94
CA ILE A 86 15.30 -9.42 4.32
C ILE A 86 14.88 -10.27 3.12
N LEU A 87 14.63 -9.64 1.96
CA LEU A 87 14.22 -10.42 0.77
C LEU A 87 15.40 -11.04 0.00
N GLY A 88 16.62 -10.64 0.34
CA GLY A 88 17.79 -11.08 -0.40
C GLY A 88 17.91 -10.50 -1.80
N ILE A 89 17.26 -9.37 -2.03
CA ILE A 89 17.38 -8.62 -3.29
C ILE A 89 18.74 -7.91 -3.38
N HIS A 90 19.21 -7.43 -2.24
CA HIS A 90 20.44 -6.67 -2.12
C HIS A 90 20.99 -6.93 -0.73
N LYS A 91 22.09 -7.67 -0.66
CA LYS A 91 22.62 -8.17 0.61
C LYS A 91 23.31 -7.13 1.50
N PRO A 92 24.25 -6.33 0.95
CA PRO A 92 24.98 -5.42 1.86
C PRO A 92 24.11 -4.45 2.65
N SER A 93 24.56 -4.12 3.84
CA SER A 93 23.86 -3.17 4.71
C SER A 93 23.97 -1.74 4.20
N GLN A 94 25.16 -1.37 3.73
CA GLN A 94 25.46 0.00 3.37
C GLN A 94 25.90 0.16 1.90
N ALA A 95 26.61 -0.82 1.35
CA ALA A 95 27.27 -0.64 0.06
C ALA A 95 26.27 -0.59 -1.09
N GLY A 96 26.55 0.23 -2.09
CA GLY A 96 25.65 0.44 -3.20
C GLY A 96 25.62 -0.70 -4.21
N ILE A 97 26.70 -1.49 -4.26
CA ILE A 97 26.84 -2.58 -5.22
C ILE A 97 26.92 -3.94 -4.53
N ASP A 98 26.11 -4.87 -5.02
CA ASP A 98 26.12 -6.26 -4.59
C ASP A 98 26.48 -7.14 -5.79
N TYR A 99 27.24 -8.19 -5.51
CA TYR A 99 27.77 -9.06 -6.55
C TYR A 99 27.95 -10.52 -6.10
N LYS A 101 29.94 -14.55 -7.48
CA LYS A 101 30.92 -15.21 -8.35
C LYS A 101 30.30 -15.62 -9.69
N TYR A 102 31.07 -15.46 -10.74
CA TYR A 102 30.67 -15.91 -12.06
C TYR A 102 31.90 -16.49 -12.75
N GLY A 103 32.03 -17.81 -12.73
CA GLY A 103 33.24 -18.45 -13.19
C GLY A 103 34.40 -18.07 -12.30
N LYS A 104 35.49 -17.63 -12.90
CA LYS A 104 36.68 -17.24 -12.15
C LYS A 104 36.54 -15.80 -11.68
N ALA A 105 35.45 -15.18 -12.07
CA ALA A 105 35.27 -13.75 -11.85
C ALA A 105 34.07 -13.44 -10.95
N LYS A 106 33.63 -12.18 -11.00
CA LYS A 106 32.50 -11.72 -10.20
C LYS A 106 31.70 -10.69 -11.00
N VAL A 107 30.38 -10.82 -11.02
CA VAL A 107 29.55 -9.82 -11.68
C VAL A 107 28.54 -9.25 -10.70
N ALA A 108 28.09 -8.03 -10.95
CA ALA A 108 27.10 -7.40 -10.09
C ALA A 108 25.75 -8.07 -10.22
N THR A 109 25.08 -8.28 -9.10
CA THR A 109 23.71 -8.75 -9.11
C THR A 109 22.78 -7.58 -8.90
N SER A 110 23.23 -6.61 -8.11
CA SER A 110 22.29 -5.58 -7.68
C SER A 110 22.95 -4.23 -7.38
N ILE A 111 22.31 -3.13 -7.78
CA ILE A 111 22.80 -1.82 -7.34
C ILE A 111 21.70 -0.91 -6.78
N VAL A 112 22.10 -0.08 -5.82
CA VAL A 112 21.23 0.91 -5.24
C VAL A 112 21.72 2.28 -5.69
N ALA A 113 21.03 2.80 -6.70
CA ALA A 113 21.20 4.17 -7.15
C ALA A 113 20.44 5.06 -6.21
N SER A 114 21.07 5.38 -5.09
CA SER A 114 20.49 6.36 -4.18
C SER A 114 20.71 7.83 -4.60
N GLY A 115 19.58 8.57 -4.78
CA GLY A 115 19.56 10.01 -4.98
C GLY A 115 18.58 10.61 -5.94
N GLY A 116 18.80 11.88 -6.19
CA GLY A 116 18.26 12.55 -7.35
C GLY A 116 18.62 11.68 -8.55
N TYR A 117 17.61 11.36 -9.34
CA TYR A 117 17.75 10.58 -10.55
C TYR A 117 17.33 11.48 -11.70
N ASP A 118 17.78 11.15 -12.90
CA ASP A 118 17.44 11.91 -14.08
C ASP A 118 16.01 11.60 -14.49
N ASP A 119 15.20 12.64 -14.68
CA ASP A 119 13.78 12.44 -14.96
C ASP A 119 13.40 12.79 -16.38
N HIS A 120 14.35 12.80 -17.30
CA HIS A 120 13.94 13.11 -18.66
C HIS A 120 13.45 11.88 -19.38
N LEU A 121 12.34 12.05 -20.07
CA LEU A 121 11.59 10.93 -20.65
C LEU A 121 12.28 10.24 -21.81
N ASP A 122 13.08 10.98 -22.59
CA ASP A 122 13.73 10.37 -23.74
C ASP A 122 15.06 9.72 -23.37
N ASN A 123 15.39 9.71 -22.07
CA ASN A 123 16.54 8.95 -21.61
C ASN A 123 16.17 7.92 -20.55
N SER A 124 14.87 7.62 -20.45
CA SER A 124 14.36 6.83 -19.34
C SER A 124 14.93 5.41 -19.30
N ASP A 125 15.35 4.88 -20.45
CA ASP A 125 15.95 3.54 -20.47
C ASP A 125 17.45 3.53 -20.11
N VAL A 126 18.03 4.71 -19.96
CA VAL A 126 19.46 4.84 -19.69
C VAL A 126 19.73 5.39 -18.29
N LEU A 127 20.72 4.84 -17.62
CA LEU A 127 21.06 5.25 -16.26
C LEU A 127 22.57 5.47 -16.16
N THR A 128 23.00 6.57 -15.55
CA THR A 128 24.42 6.78 -15.26
C THR A 128 24.67 6.62 -13.76
N TYR A 129 25.57 5.72 -13.41
CA TYR A 129 25.79 5.31 -12.02
C TYR A 129 27.23 5.58 -11.58
N THR A 130 27.41 6.21 -10.43
CA THR A 130 28.75 6.44 -9.91
C THR A 130 29.20 5.25 -9.07
N GLY A 131 30.49 4.92 -9.16
CA GLY A 131 31.03 3.77 -8.45
C GLY A 131 31.39 3.99 -6.98
N GLN A 132 32.25 3.11 -6.47
CA GLN A 132 32.58 2.94 -5.05
C GLN A 132 31.36 2.47 -4.28
N GLU A 150 41.94 8.37 -2.04
CA GLU A 150 40.56 8.78 -2.23
C GLU A 150 40.10 8.53 -3.67
N ASP A 151 41.03 8.13 -4.55
CA ASP A 151 40.67 7.61 -5.87
C ASP A 151 39.87 6.32 -5.72
N GLN A 152 38.81 6.16 -6.53
CA GLN A 152 38.11 4.89 -6.57
C GLN A 152 38.98 3.85 -7.24
N LYS A 153 38.96 2.62 -6.71
CA LYS A 153 39.75 1.53 -7.24
C LYS A 153 38.88 0.48 -7.91
N LEU A 154 39.38 -0.11 -9.00
CA LEU A 154 38.63 -1.14 -9.69
C LEU A 154 38.74 -2.47 -8.94
N ILE A 155 38.19 -2.49 -7.74
CA ILE A 155 38.15 -3.69 -6.90
C ILE A 155 36.72 -4.00 -6.45
N THR A 156 36.52 -5.17 -5.87
CA THR A 156 35.22 -5.60 -5.36
C THR A 156 34.05 -5.12 -6.23
N GLY A 157 33.15 -4.30 -5.66
CA GLY A 157 31.93 -3.88 -6.35
C GLY A 157 32.13 -3.23 -7.70
N ASN A 158 33.00 -2.23 -7.77
CA ASN A 158 33.34 -1.58 -9.03
C ASN A 158 33.84 -2.60 -10.08
N LEU A 159 34.73 -3.48 -9.67
CA LEU A 159 35.27 -4.49 -10.60
C LEU A 159 34.15 -5.38 -11.10
N ALA A 160 33.25 -5.77 -10.21
CA ALA A 160 32.14 -6.64 -10.56
C ALA A 160 31.19 -5.97 -11.57
N LEU A 161 30.95 -4.67 -11.34
CA LEU A 161 30.07 -3.93 -12.24
C LEU A 161 30.75 -3.82 -13.60
N ALA A 162 32.08 -3.71 -13.61
CA ALA A 162 32.84 -3.67 -14.86
C ALA A 162 32.82 -5.02 -15.59
N THR A 163 32.97 -6.11 -14.85
CA THR A 163 32.90 -7.45 -15.40
C THR A 163 31.51 -7.71 -15.99
N SER A 164 30.49 -7.06 -15.42
CA SER A 164 29.14 -7.20 -15.97
C SER A 164 29.08 -6.73 -17.42
N ILE A 165 29.96 -5.80 -17.80
CA ILE A 165 30.02 -5.37 -19.19
C ILE A 165 30.43 -6.54 -20.08
N GLU A 166 31.51 -7.22 -19.70
CA GLU A 166 32.04 -8.36 -20.47
C GLU A 166 31.03 -9.48 -20.55
N LYS A 167 30.35 -9.77 -19.44
CA LYS A 167 29.47 -10.93 -19.40
C LYS A 167 28.06 -10.63 -19.95
N GLN A 168 27.72 -9.34 -20.03
CA GLN A 168 26.37 -8.91 -20.39
C GLN A 168 25.32 -9.61 -19.54
N THR A 169 25.62 -9.75 -18.26
CA THR A 169 24.69 -10.35 -17.32
C THR A 169 23.85 -9.26 -16.68
N PRO A 170 22.58 -9.57 -16.39
CA PRO A 170 21.64 -8.56 -15.92
C PRO A 170 22.00 -8.03 -14.53
N VAL A 171 21.64 -6.79 -14.27
CA VAL A 171 21.83 -6.15 -12.96
C VAL A 171 20.52 -5.57 -12.45
N ARG A 172 20.13 -5.90 -11.21
CA ARG A 172 18.93 -5.30 -10.62
C ARG A 172 19.21 -3.85 -10.19
N VAL A 173 18.31 -2.94 -10.54
CA VAL A 173 18.47 -1.57 -10.11
C VAL A 173 17.38 -1.16 -9.13
N ILE A 174 17.83 -0.64 -7.98
CA ILE A 174 16.95 -0.12 -6.96
C ILE A 174 17.23 1.37 -6.81
N ARG A 175 16.20 2.16 -7.06
CA ARG A 175 16.30 3.60 -7.00
C ARG A 175 16.01 4.06 -5.58
N GLY A 176 16.95 4.78 -4.97
CA GLY A 176 16.75 5.27 -3.62
C GLY A 176 16.69 6.78 -3.52
N LYS A 177 15.57 7.29 -3.04
CA LYS A 177 15.43 8.74 -2.77
C LYS A 177 16.38 9.14 -1.62
N HIS A 178 17.00 10.32 -1.71
CA HIS A 178 17.60 10.89 -0.50
C HIS A 178 16.50 11.64 0.24
N SER A 185 12.88 7.27 6.00
CA SER A 185 11.63 8.03 5.93
C SER A 185 10.39 7.11 5.90
N LYS A 186 9.52 7.27 4.90
CA LYS A 186 8.30 6.43 4.87
C LYS A 186 7.60 6.25 3.51
N GLY A 187 7.69 7.22 2.58
CA GLY A 187 6.90 7.17 1.35
C GLY A 187 7.56 6.76 0.03
N GLY A 188 7.63 5.45 -0.23
CA GLY A 188 8.25 4.94 -1.45
C GLY A 188 9.72 5.30 -1.56
N ASN A 189 10.48 5.01 -0.50
CA ASN A 189 11.88 5.39 -0.41
C ASN A 189 12.78 4.57 -1.33
N TYR A 190 12.44 3.31 -1.56
CA TYR A 190 13.22 2.48 -2.47
C TYR A 190 12.29 1.89 -3.52
N VAL A 191 12.70 1.98 -4.78
CA VAL A 191 11.89 1.47 -5.87
C VAL A 191 12.71 0.52 -6.71
N TYR A 192 12.23 -0.71 -6.87
CA TYR A 192 12.84 -1.66 -7.80
C TYR A 192 12.44 -1.31 -9.23
N ASP A 193 13.41 -0.90 -10.03
CA ASP A 193 13.13 -0.44 -11.39
C ASP A 193 13.42 -1.51 -12.45
N GLY A 194 13.89 -2.68 -12.03
CA GLY A 194 14.06 -3.79 -12.95
C GLY A 194 15.49 -4.09 -13.38
N LEU A 195 15.61 -4.77 -14.51
CA LEU A 195 16.88 -5.32 -14.95
C LEU A 195 17.56 -4.42 -15.98
N TYR A 196 18.87 -4.26 -15.81
CA TYR A 196 19.68 -3.41 -16.67
C TYR A 196 20.91 -4.17 -17.17
N LEU A 197 21.48 -3.75 -18.29
CA LEU A 197 22.78 -4.25 -18.71
C LEU A 197 23.80 -3.12 -18.60
N VAL A 198 24.99 -3.44 -18.13
CA VAL A 198 26.06 -2.46 -18.07
C VAL A 198 26.74 -2.41 -19.44
N GLU A 199 26.82 -1.22 -20.03
CA GLU A 199 27.33 -1.06 -21.40
C GLU A 199 28.77 -0.57 -21.46
N LYS A 200 29.12 0.32 -20.54
CA LYS A 200 30.45 0.88 -20.53
C LYS A 200 30.75 1.55 -19.21
N TYR A 201 32.03 1.82 -19.00
CA TYR A 201 32.42 2.60 -17.85
C TYR A 201 33.62 3.47 -18.20
N TRP A 202 33.82 4.51 -17.41
CA TRP A 202 34.99 5.34 -17.58
C TRP A 202 35.36 5.91 -16.23
N GLN A 203 36.41 6.72 -16.24
CA GLN A 203 36.96 7.30 -15.03
C GLN A 203 37.02 8.81 -15.22
N GLN A 204 36.64 9.54 -14.17
CA GLN A 204 36.75 11.00 -14.22
C GLN A 204 36.92 11.59 -12.82
N VAL A 205 37.47 12.79 -12.76
CA VAL A 205 37.60 13.53 -11.51
C VAL A 205 36.22 13.84 -10.97
N GLY A 206 35.94 13.38 -9.75
CA GLY A 206 34.71 13.71 -9.07
C GLY A 206 34.86 15.08 -8.47
N SER A 207 33.82 15.60 -7.83
CA SER A 207 33.92 16.95 -7.30
C SER A 207 34.63 16.98 -5.96
N HIS A 208 34.84 15.81 -5.36
CA HIS A 208 35.67 15.73 -4.15
C HIS A 208 37.17 15.76 -4.50
N GLY A 209 37.46 15.78 -5.80
CA GLY A 209 38.81 16.06 -6.25
C GLY A 209 39.62 14.88 -6.75
N ASN A 211 39.64 10.71 -8.64
CA ASN A 211 38.96 9.92 -9.66
C ASN A 211 37.84 9.06 -9.08
N VAL A 212 36.72 9.04 -9.80
CA VAL A 212 35.62 8.16 -9.48
C VAL A 212 35.34 7.32 -10.73
N PHE A 213 34.65 6.19 -10.56
CA PHE A 213 34.19 5.44 -11.72
C PHE A 213 32.75 5.80 -12.06
N LYS A 214 32.46 5.86 -13.36
CA LYS A 214 31.12 6.09 -13.86
C LYS A 214 30.75 4.94 -14.80
N PHE A 215 29.52 4.45 -14.67
CA PHE A 215 29.00 3.32 -15.45
C PHE A 215 27.74 3.72 -16.18
N GLN A 216 27.62 3.36 -17.44
CA GLN A 216 26.36 3.54 -18.14
C GLN A 216 25.62 2.21 -18.23
N LEU A 217 24.36 2.20 -17.79
CA LEU A 217 23.49 1.03 -17.89
C LEU A 217 22.27 1.30 -18.78
N ARG A 218 21.76 0.27 -19.43
CA ARG A 218 20.57 0.39 -20.26
C ARG A 218 19.53 -0.64 -19.84
N ARG A 219 18.28 -0.20 -19.71
CA ARG A 219 17.22 -1.07 -19.25
C ARG A 219 16.89 -2.11 -20.33
N ILE A 220 16.71 -3.35 -19.90
CA ILE A 220 16.43 -4.42 -20.86
C ILE A 220 15.02 -4.23 -21.40
N PRO A 221 14.88 -4.29 -22.72
CA PRO A 221 13.56 -4.14 -23.34
C PRO A 221 12.60 -5.21 -22.87
N GLY A 222 11.31 -4.93 -22.91
CA GLY A 222 10.28 -5.91 -22.62
C GLY A 222 9.70 -5.87 -21.21
N GLN A 223 10.24 -5.01 -20.36
CA GLN A 223 9.82 -4.94 -18.97
C GLN A 223 8.66 -3.94 -18.82
N PRO A 224 7.90 -4.05 -17.71
CA PRO A 224 6.88 -3.03 -17.42
C PRO A 224 7.48 -1.62 -17.40
N GLU A 225 6.70 -0.60 -17.77
CA GLU A 225 7.24 0.75 -17.79
C GLU A 225 7.63 1.19 -16.37
N LEU A 226 8.73 1.94 -16.29
CA LEU A 226 9.14 2.55 -15.03
C LEU A 226 8.00 3.35 -14.38
N SER A 227 7.87 3.26 -13.07
CA SER A 227 6.74 3.90 -12.41
C SER A 227 6.90 5.41 -12.43
N TRP A 228 8.13 5.92 -12.41
CA TRP A 228 8.29 7.38 -12.43
C TRP A 228 7.91 7.94 -13.80
N VAL A 229 8.11 7.14 -14.84
CA VAL A 229 7.73 7.52 -16.19
C VAL A 229 6.21 7.62 -16.29
N GLU A 230 5.51 6.61 -15.75
CA GLU A 230 4.07 6.61 -15.79
C GLU A 230 3.50 7.77 -14.98
N VAL A 231 4.06 8.02 -13.79
CA VAL A 231 3.58 9.12 -12.99
C VAL A 231 3.78 10.44 -13.74
N LYS A 232 4.98 10.62 -14.30
CA LYS A 232 5.28 11.84 -15.04
C LYS A 232 4.27 12.03 -16.18
N LYS A 233 4.01 10.98 -16.97
CA LYS A 233 3.05 11.10 -18.06
C LYS A 233 1.63 11.37 -17.54
N SER A 234 1.35 10.94 -16.32
CA SER A 234 0.01 11.08 -15.77
C SER A 234 -0.22 12.49 -15.27
N LYS A 235 0.86 13.23 -15.04
CA LYS A 235 0.72 14.60 -14.57
C LYS A 235 0.29 15.59 -15.65
N SER A 236 0.30 15.18 -16.91
CA SER A 236 -0.05 16.08 -18.00
C SER A 236 -1.57 16.21 -18.20
N LYS A 237 -1.99 17.36 -18.73
CA LYS A 237 -3.40 17.59 -19.01
C LYS A 237 -3.78 16.98 -20.37
N TYR A 238 -2.77 16.57 -21.14
CA TYR A 238 -2.98 15.88 -22.40
C TYR A 238 -2.77 14.38 -22.24
N ARG A 239 -2.82 13.94 -20.98
CA ARG A 239 -2.72 12.53 -20.62
C ARG A 239 -3.64 11.63 -21.45
N GLU A 240 -3.10 10.52 -21.94
CA GLU A 240 -3.87 9.61 -22.78
C GLU A 240 -5.06 9.00 -22.03
N GLY A 241 -6.23 9.04 -22.65
CA GLY A 241 -7.41 8.37 -22.11
C GLY A 241 -8.19 9.16 -21.07
N LEU A 242 -7.75 10.37 -20.77
CA LEU A 242 -8.43 11.18 -19.76
C LEU A 242 -9.83 11.51 -20.21
N CYS A 243 -10.84 11.00 -19.54
CA CYS A 243 -12.21 11.22 -20.03
C CYS A 243 -13.14 11.90 -19.03
N LYS A 244 -12.65 12.20 -17.82
CA LYS A 244 -13.42 13.02 -16.88
C LYS A 244 -12.53 13.64 -15.82
N LEU A 245 -12.77 14.92 -15.51
CA LEU A 245 -11.96 15.63 -14.53
C LEU A 245 -12.30 15.26 -13.09
N ASP A 246 -13.58 15.01 -12.83
CA ASP A 246 -14.02 14.83 -11.46
C ASP A 246 -15.35 14.10 -11.36
N ILE A 247 -15.29 12.81 -11.05
CA ILE A 247 -16.50 12.01 -10.85
C ILE A 247 -17.19 12.44 -9.57
N SER A 248 -16.46 13.21 -8.76
CA SER A 248 -16.94 13.73 -7.49
C SER A 248 -17.80 14.98 -7.72
N GLU A 249 -17.73 15.54 -8.91
CA GLU A 249 -18.54 16.71 -9.25
C GLU A 249 -18.27 17.87 -8.29
N GLY A 250 -17.01 18.03 -7.90
CA GLY A 250 -16.62 19.10 -7.00
C GLY A 250 -16.84 18.89 -5.51
N LYS A 251 -17.31 17.70 -5.11
CA LYS A 251 -17.65 17.46 -3.71
C LYS A 251 -16.47 16.98 -2.86
N GLU A 252 -15.63 16.12 -3.41
CA GLU A 252 -14.41 15.75 -2.71
C GLU A 252 -13.47 16.95 -2.75
N GLN A 253 -12.59 17.02 -1.74
CA GLN A 253 -11.71 18.15 -1.56
C GLN A 253 -10.68 18.21 -2.70
N SER A 254 -10.28 17.03 -3.19
CA SER A 254 -9.47 16.93 -4.39
C SER A 254 -10.24 16.14 -5.46
N PRO A 255 -10.16 16.59 -6.72
CA PRO A 255 -10.93 15.95 -7.80
C PRO A 255 -10.47 14.53 -8.13
N ILE A 256 -11.43 13.64 -8.37
CA ILE A 256 -11.12 12.28 -8.77
C ILE A 256 -11.41 12.07 -10.24
N SER A 257 -10.34 11.95 -11.03
CA SER A 257 -10.51 11.88 -12.47
C SER A 257 -10.76 10.44 -12.91
N ALA A 258 -11.12 10.30 -14.19
CA ALA A 258 -11.39 9.01 -14.79
C ALA A 258 -10.57 8.84 -16.06
N VAL A 259 -9.90 7.70 -16.18
CA VAL A 259 -9.04 7.43 -17.33
C VAL A 259 -9.50 6.16 -18.05
N ASN A 260 -9.55 6.21 -19.37
CA ASN A 260 -9.91 5.05 -20.15
C ASN A 260 -9.03 4.95 -21.39
N GLU A 261 -8.07 4.03 -21.36
CA GLU A 261 -7.20 3.79 -22.52
C GLU A 261 -7.64 2.51 -23.24
N ILE A 262 -8.78 1.96 -22.86
CA ILE A 262 -9.25 0.69 -23.40
C ILE A 262 -10.28 0.89 -24.49
N ASP A 263 -11.33 1.65 -24.18
CA ASP A 263 -12.35 1.98 -25.16
C ASP A 263 -12.77 3.44 -25.07
N ASP A 264 -14.00 3.75 -25.50
CA ASP A 264 -14.51 5.11 -25.48
C ASP A 264 -15.62 5.25 -24.45
N GLU A 265 -15.81 4.22 -23.64
CA GLU A 265 -16.82 4.23 -22.59
C GLU A 265 -16.46 5.23 -21.47
N LYS A 266 -17.49 5.87 -20.94
CA LYS A 266 -17.33 6.83 -19.86
C LYS A 266 -17.84 6.21 -18.55
N PRO A 267 -17.45 6.81 -17.41
CA PRO A 267 -17.85 6.22 -16.13
C PRO A 267 -19.36 6.19 -15.95
N PRO A 268 -19.86 5.15 -15.28
CA PRO A 268 -21.29 5.02 -14.94
C PRO A 268 -21.78 6.24 -14.17
N LEU A 269 -23.04 6.63 -14.38
CA LEU A 269 -23.62 7.76 -13.66
C LEU A 269 -24.23 7.32 -12.33
N PHE A 270 -24.03 8.15 -11.32
CA PHE A 270 -24.52 7.91 -9.97
C PHE A 270 -24.41 9.22 -9.20
N THR A 271 -25.07 9.31 -8.05
CA THR A 271 -25.01 10.50 -7.24
C THR A 271 -23.83 10.43 -6.26
N TYR A 272 -22.74 11.15 -6.56
CA TYR A 272 -21.55 11.06 -5.71
C TYR A 272 -21.87 11.60 -4.32
N THR A 273 -21.41 10.87 -3.30
CA THR A 273 -21.75 11.13 -1.91
C THR A 273 -20.50 10.97 -1.07
N VAL A 274 -20.01 12.07 -0.53
CA VAL A 274 -18.73 12.07 0.18
C VAL A 274 -18.80 11.34 1.51
N LYS A 275 -19.84 11.65 2.29
CA LYS A 275 -20.02 11.12 3.63
C LYS A 275 -21.24 10.21 3.73
N LEU A 276 -21.15 9.23 4.61
CA LEU A 276 -22.26 8.33 4.85
C LEU A 276 -23.39 9.09 5.55
N ILE A 277 -24.58 8.99 4.98
CA ILE A 277 -25.76 9.67 5.51
C ILE A 277 -26.72 8.64 6.06
N TYR A 278 -27.09 8.78 7.33
CA TYR A 278 -27.93 7.80 8.01
C TYR A 278 -29.41 8.09 7.84
N PRO A 279 -30.18 7.09 7.39
CA PRO A 279 -31.65 7.27 7.35
C PRO A 279 -32.20 7.52 8.77
N ASP A 280 -33.45 7.95 8.88
CA ASP A 280 -34.00 8.30 10.19
C ASP A 280 -34.10 7.07 11.11
N TRP A 281 -34.25 5.88 10.53
CA TRP A 281 -34.35 4.67 11.33
C TRP A 281 -33.03 4.34 12.06
N CYS A 282 -31.93 4.96 11.66
CA CYS A 282 -30.68 4.79 12.42
C CYS A 282 -29.89 6.08 12.64
N ARG A 283 -30.59 7.20 12.81
CA ARG A 283 -29.94 8.45 13.21
C ARG A 283 -29.08 8.18 14.45
N PRO A 284 -27.81 8.61 14.41
CA PRO A 284 -26.86 8.31 15.50
C PRO A 284 -27.38 8.77 16.87
N VAL A 285 -27.45 7.84 17.82
CA VAL A 285 -27.55 8.19 19.23
C VAL A 285 -26.16 8.65 19.64
N PRO A 286 -26.06 9.80 20.34
CA PRO A 286 -24.76 10.39 20.67
C PRO A 286 -23.86 9.49 21.51
N PRO A 287 -22.70 9.12 20.95
CA PRO A 287 -21.70 8.24 21.57
C PRO A 287 -21.09 8.86 22.82
N LYS A 288 -20.38 8.04 23.60
CA LYS A 288 -19.74 8.54 24.81
C LYS A 288 -18.41 9.16 24.44
N SER A 289 -18.28 10.40 24.91
CA SER A 289 -17.34 11.39 24.46
C SER A 289 -16.01 11.36 25.19
N CYS A 290 -15.25 12.43 25.02
CA CYS A 290 -13.86 12.47 25.44
C CYS A 290 -13.55 13.67 26.31
N CYS A 291 -12.56 13.51 27.18
CA CYS A 291 -12.15 14.58 28.08
C CYS A 291 -10.64 14.80 27.95
N CYS A 292 -10.25 15.40 26.83
CA CYS A 292 -8.87 15.74 26.54
C CYS A 292 -8.90 17.00 25.71
N THR A 293 -8.16 18.02 26.13
CA THR A 293 -8.20 19.31 25.42
C THR A 293 -7.20 19.34 24.27
N THR A 294 -6.37 18.31 24.18
CA THR A 294 -5.43 18.22 23.09
C THR A 294 -5.41 16.82 22.50
N ARG A 295 -4.49 16.56 21.56
CA ARG A 295 -4.41 15.24 20.93
C ARG A 295 -4.37 14.11 21.95
N CYS A 296 -5.24 13.13 21.76
CA CYS A 296 -5.29 11.98 22.66
C CYS A 296 -4.11 11.07 22.43
N THR A 297 -3.50 10.69 23.55
CA THR A 297 -2.40 9.79 23.60
C THR A 297 -2.38 9.02 24.92
N GLU A 298 -1.78 7.84 24.92
CA GLU A 298 -1.55 7.05 26.13
C GLU A 298 -0.64 7.77 27.13
N ALA A 299 0.35 8.47 26.60
CA ALA A 299 1.36 9.15 27.38
C ALA A 299 0.85 10.23 28.30
N GLU A 300 -0.06 11.05 27.82
CA GLU A 300 -0.67 12.06 28.66
C GLU A 300 -1.46 11.22 29.66
N ALA A 301 -1.31 11.45 30.97
CA ALA A 301 -1.80 10.45 31.93
C ALA A 301 -3.24 10.47 32.47
N ARG A 302 -3.98 11.54 32.24
CA ARG A 302 -5.36 11.61 32.69
C ARG A 302 -6.18 10.72 31.77
N VAL A 303 -7.34 10.28 32.23
CA VAL A 303 -8.12 9.28 31.50
C VAL A 303 -8.63 9.76 30.15
N CYS A 304 -8.44 8.95 29.12
CA CYS A 304 -9.14 9.16 27.86
C CYS A 304 -10.03 7.95 27.58
N ALA A 305 -11.35 8.17 27.62
CA ALA A 305 -12.34 7.11 27.43
C ALA A 305 -12.17 6.42 26.08
N CYS A 306 -11.80 7.19 25.07
CA CYS A 306 -11.69 6.65 23.73
C CYS A 306 -10.50 5.70 23.61
N VAL A 307 -9.44 5.94 24.38
CA VAL A 307 -8.32 5.00 24.45
C VAL A 307 -8.73 3.69 25.13
N GLU A 308 -9.61 3.78 26.12
CA GLU A 308 -10.11 2.59 26.79
C GLU A 308 -11.05 1.80 25.89
N LYS A 309 -11.79 2.51 25.04
CA LYS A 309 -12.64 1.85 24.05
C LYS A 309 -11.80 0.94 23.15
N ASN A 310 -10.57 1.38 22.86
CA ASN A 310 -9.68 0.61 22.00
C ASN A 310 -8.86 -0.39 22.80
N GLY A 311 -9.26 -0.62 24.05
CA GLY A 311 -8.61 -1.62 24.87
C GLY A 311 -7.30 -1.17 25.49
N GLY A 312 -7.14 0.14 25.69
CA GLY A 312 -5.97 0.68 26.36
C GLY A 312 -4.82 1.07 25.46
N GLU A 313 -5.03 0.99 24.15
CA GLU A 313 -4.02 1.34 23.18
C GLU A 313 -4.53 2.41 22.23
N ILE A 314 -3.60 3.11 21.59
CA ILE A 314 -3.93 3.91 20.43
C ILE A 314 -3.69 3.03 19.21
N PRO A 315 -4.73 2.83 18.38
CA PRO A 315 -4.66 1.91 17.25
C PRO A 315 -3.95 2.51 16.04
N TYR A 316 -3.59 3.79 16.11
CA TYR A 316 -2.84 4.43 15.03
C TYR A 316 -1.49 4.87 15.52
N ASN A 317 -0.49 4.85 14.63
CA ASN A 317 0.77 5.53 14.93
C ASN A 317 0.55 7.04 14.80
N PHE A 318 1.50 7.81 15.30
CA PHE A 318 1.34 9.27 15.32
C PHE A 318 1.39 9.89 13.92
N ASP A 319 1.67 9.07 12.90
CA ASP A 319 1.74 9.56 11.53
C ASP A 319 0.44 9.29 10.79
N GLY A 320 -0.52 8.66 11.47
CA GLY A 320 -1.83 8.42 10.89
C GLY A 320 -2.05 7.01 10.37
N ALA A 321 -0.98 6.22 10.33
CA ALA A 321 -1.08 4.86 9.82
C ALA A 321 -1.69 3.93 10.86
N ILE A 322 -2.49 2.97 10.41
CA ILE A 322 -3.06 1.99 11.31
C ILE A 322 -1.93 1.06 11.76
N VAL A 323 -1.86 0.79 13.07
CA VAL A 323 -0.84 -0.10 13.62
C VAL A 323 -1.05 -1.52 13.12
N GLY A 324 -2.30 -1.97 13.13
CA GLY A 324 -2.65 -3.32 12.70
C GLY A 324 -4.15 -3.50 12.73
N ALA A 325 -4.67 -4.34 11.83
CA ALA A 325 -6.10 -4.60 11.73
C ALA A 325 -6.67 -5.02 13.08
N LYS A 326 -7.91 -4.63 13.36
CA LYS A 326 -8.60 -5.04 14.58
C LYS A 326 -10.05 -5.32 14.25
N PRO A 327 -10.78 -6.03 15.14
CA PRO A 327 -12.21 -6.16 14.88
C PRO A 327 -12.91 -4.80 14.69
N THR A 328 -12.64 -3.87 15.59
CA THR A 328 -13.23 -2.54 15.54
C THR A 328 -12.23 -1.50 16.03
N ILE A 329 -12.22 -0.35 15.37
CA ILE A 329 -11.45 0.80 15.85
C ILE A 329 -12.39 1.93 16.28
N TYR A 330 -12.13 2.51 17.44
CA TYR A 330 -12.93 3.62 17.91
C TYR A 330 -12.16 4.93 17.78
N GLU A 331 -12.71 5.85 16.99
CA GLU A 331 -12.11 7.16 16.84
C GLU A 331 -12.84 8.17 17.73
N CYS A 332 -12.22 9.30 18.01
CA CYS A 332 -12.87 10.35 18.76
C CYS A 332 -14.00 10.92 17.93
N GLY A 333 -15.08 11.32 18.60
CA GLY A 333 -16.31 11.68 17.93
C GLY A 333 -16.59 13.17 17.96
N PRO A 334 -17.84 13.56 17.67
CA PRO A 334 -18.18 14.98 17.51
C PRO A 334 -18.16 15.74 18.82
N LEU A 335 -18.34 15.07 19.94
CA LEU A 335 -18.38 15.74 21.22
C LEU A 335 -17.13 15.48 22.06
N CYS A 336 -16.10 14.88 21.48
CA CYS A 336 -14.79 14.86 22.12
C CYS A 336 -14.16 16.26 22.01
N LYS A 337 -13.58 16.77 23.08
CA LYS A 337 -13.02 18.13 23.09
C LYS A 337 -11.65 18.21 22.41
N CYS A 338 -11.27 17.09 21.80
CA CYS A 338 -10.03 17.01 21.04
C CYS A 338 -10.05 17.88 19.82
N PRO A 339 -8.87 18.36 19.47
CA PRO A 339 -8.69 19.10 18.22
C PRO A 339 -8.79 18.14 17.03
N SER A 340 -8.95 18.69 15.82
CA SER A 340 -9.05 17.87 14.62
C SER A 340 -7.85 16.94 14.42
N SER A 341 -6.68 17.35 14.92
CA SER A 341 -5.45 16.61 14.67
C SER A 341 -5.16 15.56 15.75
N CYS A 342 -6.14 15.29 16.61
CA CYS A 342 -6.03 14.17 17.55
C CYS A 342 -5.62 12.88 16.82
N TYR A 343 -4.81 12.06 17.50
CA TYR A 343 -4.27 10.84 16.88
C TYR A 343 -5.36 9.79 16.66
N LEU A 344 -6.47 9.97 17.36
CA LEU A 344 -7.63 9.11 17.23
C LEU A 344 -8.63 9.70 16.24
N ARG A 345 -8.19 10.64 15.43
CA ARG A 345 -9.05 11.18 14.38
C ARG A 345 -8.37 10.99 13.04
N VAL A 346 -8.76 9.96 12.30
CA VAL A 346 -8.07 9.65 11.06
C VAL A 346 -9.05 9.44 9.91
N THR A 347 -9.79 8.34 9.93
CA THR A 347 -10.70 8.00 8.84
C THR A 347 -11.88 8.98 8.71
N GLN A 348 -12.21 9.66 9.80
CA GLN A 348 -13.30 10.63 9.78
C GLN A 348 -12.99 11.88 8.93
N HIS A 349 -11.71 12.12 8.63
CA HIS A 349 -11.30 13.30 7.84
C HIS A 349 -11.37 13.03 6.35
N GLY A 350 -11.75 11.80 5.97
CA GLY A 350 -11.95 11.49 4.58
C GLY A 350 -10.67 11.29 3.78
N ILE A 351 -10.83 11.25 2.46
CA ILE A 351 -9.76 10.93 1.52
C ILE A 351 -8.67 11.97 1.46
N LYS A 352 -7.41 11.52 1.49
CA LYS A 352 -6.24 12.41 1.37
C LYS A 352 -5.38 12.08 0.15
N LEU A 353 -5.47 10.85 -0.31
CA LEU A 353 -4.66 10.42 -1.45
C LEU A 353 -5.23 10.92 -2.75
N PRO A 354 -4.36 11.13 -3.76
CA PRO A 354 -4.85 11.50 -5.09
C PRO A 354 -5.38 10.29 -5.88
N LEU A 355 -6.65 9.97 -5.69
CA LEU A 355 -7.24 8.79 -6.32
C LEU A 355 -7.80 9.08 -7.71
N GLU A 356 -7.96 8.03 -8.50
CA GLU A 356 -8.62 8.14 -9.78
C GLU A 356 -9.19 6.78 -10.16
N ILE A 357 -10.22 6.78 -11.01
CA ILE A 357 -10.71 5.50 -11.50
C ILE A 357 -10.29 5.32 -12.96
N PHE A 358 -10.20 4.07 -13.39
CA PHE A 358 -9.66 3.80 -14.71
C PHE A 358 -10.30 2.54 -15.26
N LYS A 359 -10.36 2.42 -16.57
CA LYS A 359 -10.93 1.24 -17.22
C LYS A 359 -9.95 0.07 -17.26
N THR A 360 -10.36 -1.07 -16.70
CA THR A 360 -9.56 -2.30 -16.81
C THR A 360 -9.93 -3.06 -18.08
N LYS A 361 -9.12 -4.07 -18.43
CA LYS A 361 -9.38 -4.87 -19.63
C LYS A 361 -10.64 -5.73 -19.53
N SER A 362 -10.89 -6.30 -18.34
CA SER A 362 -11.95 -7.30 -18.23
C SER A 362 -12.76 -7.26 -16.92
N ARG A 363 -12.54 -6.22 -16.10
CA ARG A 363 -13.22 -6.09 -14.80
C ARG A 363 -13.95 -4.75 -14.66
N GLY A 364 -14.33 -4.13 -15.78
CA GLY A 364 -14.97 -2.83 -15.72
C GLY A 364 -14.05 -1.76 -15.15
N TRP A 365 -14.59 -0.83 -14.38
CA TRP A 365 -13.81 0.24 -13.78
C TRP A 365 -13.13 -0.19 -12.48
N GLY A 366 -11.91 0.30 -12.27
CA GLY A 366 -11.15 0.05 -11.05
C GLY A 366 -10.63 1.35 -10.49
N VAL A 367 -9.97 1.28 -9.34
CA VAL A 367 -9.44 2.43 -8.62
C VAL A 367 -7.92 2.33 -8.48
N ARG A 368 -7.23 3.46 -8.61
CA ARG A 368 -5.80 3.49 -8.34
C ARG A 368 -5.41 4.88 -7.81
N CYS A 369 -4.16 5.01 -7.39
CA CYS A 369 -3.65 6.26 -6.81
C CYS A 369 -2.45 6.77 -7.60
N LEU A 370 -2.30 8.09 -7.68
CA LEU A 370 -1.26 8.71 -8.49
C LEU A 370 0.08 8.82 -7.76
N LYS A 371 0.09 8.50 -6.48
CA LYS A 371 1.33 8.46 -5.71
C LYS A 371 1.42 7.16 -4.93
N SER A 372 2.61 6.88 -4.39
CA SER A 372 2.83 5.75 -3.51
C SER A 372 1.93 5.82 -2.29
N ILE A 373 1.42 4.68 -1.86
CA ILE A 373 0.65 4.65 -0.61
C ILE A 373 1.43 3.83 0.43
N PRO A 374 1.83 4.49 1.54
CA PRO A 374 2.57 3.77 2.59
C PRO A 374 1.68 2.73 3.24
N ILE A 375 2.26 1.61 3.63
CA ILE A 375 1.52 0.56 4.31
C ILE A 375 0.88 1.14 5.57
N GLY A 376 -0.39 0.80 5.80
CA GLY A 376 -1.11 1.29 6.96
C GLY A 376 -1.98 2.50 6.66
N SER A 377 -1.79 3.13 5.51
CA SER A 377 -2.56 4.34 5.17
C SER A 377 -4.05 4.06 4.94
N PHE A 378 -4.89 4.97 5.39
CA PHE A 378 -6.30 4.98 5.07
C PHE A 378 -6.51 5.38 3.61
N ILE A 379 -7.38 4.66 2.90
CA ILE A 379 -7.69 4.99 1.52
C ILE A 379 -8.97 5.82 1.40
N CYS A 380 -10.09 5.15 1.64
CA CYS A 380 -11.41 5.77 1.56
C CYS A 380 -12.44 4.91 2.29
N GLU A 381 -13.63 5.46 2.49
CA GLU A 381 -14.76 4.73 3.05
C GLU A 381 -15.56 4.05 1.95
N TYR A 382 -16.20 2.93 2.26
CA TYR A 382 -17.27 2.43 1.38
C TYR A 382 -18.58 3.16 1.72
N VAL A 383 -18.88 4.21 0.96
CA VAL A 383 -20.09 5.01 1.21
C VAL A 383 -21.29 4.56 0.38
N GLY A 384 -22.47 4.56 0.99
CA GLY A 384 -23.68 4.27 0.26
C GLY A 384 -24.86 4.39 1.19
N GLU A 385 -26.02 3.91 0.75
CA GLU A 385 -27.22 3.95 1.56
C GLU A 385 -27.30 2.75 2.47
N LEU A 386 -27.50 2.98 3.75
CA LEU A 386 -27.59 1.89 4.71
C LEU A 386 -28.95 1.17 4.64
N LEU A 387 -28.93 -0.14 4.58
CA LEU A 387 -30.14 -0.92 4.70
C LEU A 387 -29.99 -2.22 5.45
N GLU A 388 -31.08 -2.63 6.09
CA GLU A 388 -31.17 -3.87 6.82
C GLU A 388 -31.17 -5.02 5.86
N ASP A 389 -30.75 -6.19 6.33
CA ASP A 389 -30.51 -7.37 5.52
C ASP A 389 -31.72 -7.84 4.77
N SER A 390 -32.84 -7.82 5.47
CA SER A 390 -34.09 -8.32 4.95
C SER A 390 -34.43 -7.53 3.73
N GLU A 391 -34.31 -6.23 3.87
CA GLU A 391 -34.50 -5.34 2.74
C GLU A 391 -33.42 -5.73 1.76
N ALA A 392 -32.26 -6.12 2.26
CA ALA A 392 -31.19 -6.52 1.37
C ALA A 392 -31.52 -7.73 0.51
N GLU A 393 -32.13 -8.76 1.06
CA GLU A 393 -32.39 -9.98 0.27
C GLU A 393 -33.46 -9.78 -0.81
N ARG A 394 -34.14 -8.64 -0.76
CA ARG A 394 -35.17 -8.27 -1.73
C ARG A 394 -34.56 -7.38 -2.79
N ARG A 395 -33.24 -7.33 -2.84
CA ARG A 395 -32.55 -6.43 -3.74
C ARG A 395 -32.94 -6.73 -5.17
N ILE A 396 -33.17 -5.66 -5.93
CA ILE A 396 -33.54 -5.76 -7.33
C ILE A 396 -32.58 -4.84 -8.07
N GLY A 397 -32.43 -4.94 -9.38
CA GLY A 397 -31.42 -4.10 -10.00
C GLY A 397 -30.03 -4.51 -9.55
N ASN A 398 -29.21 -3.58 -9.05
CA ASN A 398 -27.77 -3.81 -8.86
C ASN A 398 -27.13 -4.25 -7.51
N ASP A 399 -26.77 -5.52 -7.51
CA ASP A 399 -26.12 -6.18 -6.38
C ASP A 399 -24.64 -6.20 -6.57
N GLU A 400 -24.17 -5.60 -7.65
CA GLU A 400 -22.77 -5.33 -7.81
C GLU A 400 -22.27 -4.35 -6.76
N TYR A 401 -23.11 -3.40 -6.38
CA TYR A 401 -22.74 -2.40 -5.41
C TYR A 401 -23.31 -2.62 -4.03
N LEU A 402 -23.59 -3.86 -3.66
CA LEU A 402 -23.99 -4.19 -2.31
C LEU A 402 -22.80 -4.67 -1.52
N PHE A 403 -22.50 -3.94 -0.45
CA PHE A 403 -21.42 -4.34 0.43
C PHE A 403 -22.01 -4.82 1.75
N ASP A 404 -21.91 -6.11 2.04
CA ASP A 404 -22.39 -6.64 3.31
C ASP A 404 -21.35 -6.42 4.41
N ILE A 405 -21.74 -5.71 5.47
CA ILE A 405 -20.88 -5.52 6.65
C ILE A 405 -20.88 -6.77 7.55
N GLY A 406 -19.85 -6.90 8.37
CA GLY A 406 -19.82 -7.92 9.41
C GLY A 406 -18.77 -8.98 9.20
N ASN A 407 -17.81 -9.03 10.13
CA ASN A 407 -16.82 -10.10 10.21
C ASN A 407 -15.98 -10.32 8.96
N ARG A 408 -15.27 -9.28 8.55
CA ARG A 408 -14.24 -9.41 7.55
C ARG A 408 -12.84 -9.38 8.19
N TYR A 409 -12.80 -9.11 9.49
CA TYR A 409 -11.53 -9.05 10.22
C TYR A 409 -10.69 -10.32 10.07
N ASP A 410 -9.47 -10.12 9.56
CA ASP A 410 -8.47 -11.17 9.36
C ASP A 410 -7.38 -11.08 10.46
N ASN A 411 -7.30 -12.10 11.33
CA ASN A 411 -6.34 -12.05 12.43
C ASN A 411 -5.03 -12.80 12.11
N SER A 412 -4.80 -13.14 10.85
CA SER A 412 -3.60 -13.90 10.47
C SER A 412 -2.32 -13.21 10.90
N LEU A 413 -2.15 -11.97 10.45
CA LEU A 413 -0.98 -11.17 10.76
C LEU A 413 -0.74 -11.05 12.26
N ALA A 414 -1.81 -10.83 13.02
CA ALA A 414 -1.74 -10.72 14.48
C ALA A 414 -1.25 -12.03 15.10
N GLN A 415 -1.72 -13.14 14.56
CA GLN A 415 -1.24 -14.43 15.02
C GLN A 415 0.25 -14.60 14.70
N GLY A 416 0.66 -14.31 13.47
CA GLY A 416 2.05 -14.47 13.08
C GLY A 416 2.99 -13.71 13.99
N SER A 418 2.24 -12.67 17.08
CA SER A 418 2.19 -13.25 18.42
C SER A 418 3.20 -14.39 18.50
N GLU A 419 3.38 -15.10 17.40
CA GLU A 419 4.38 -16.16 17.37
C GLU A 419 5.80 -15.59 17.35
N LEU A 420 5.96 -14.37 16.83
CA LEU A 420 7.27 -13.71 16.91
C LEU A 420 7.58 -13.11 18.29
N GLU A 435 -18.84 -11.99 15.38
CA GLU A 435 -20.20 -11.48 15.29
C GLU A 435 -20.48 -10.82 13.95
N SER A 436 -21.10 -11.56 13.03
CA SER A 436 -21.42 -11.02 11.72
C SER A 436 -22.62 -10.07 11.79
N SER A 437 -22.71 -9.15 10.83
CA SER A 437 -23.74 -8.12 10.82
C SER A 437 -24.76 -8.38 9.72
N GLY A 438 -26.02 -8.04 9.96
CA GLY A 438 -27.02 -8.23 8.92
C GLY A 438 -26.97 -7.15 7.84
N PHE A 439 -26.32 -6.03 8.13
CA PHE A 439 -26.53 -4.82 7.35
C PHE A 439 -25.64 -4.67 6.11
N THR A 440 -26.20 -3.93 5.15
CA THR A 440 -25.62 -3.78 3.83
C THR A 440 -25.56 -2.30 3.43
N ILE A 441 -24.43 -1.92 2.85
CA ILE A 441 -24.27 -0.61 2.23
C ILE A 441 -24.55 -0.70 0.73
N ASP A 442 -25.59 -0.01 0.25
CA ASP A 442 -25.93 -0.01 -1.17
C ASP A 442 -25.44 1.25 -1.89
N ALA A 443 -24.46 1.09 -2.77
CA ALA A 443 -23.87 2.21 -3.46
C ALA A 443 -24.27 2.26 -4.93
N ALA A 444 -25.33 1.55 -5.29
CA ALA A 444 -25.84 1.50 -6.66
C ALA A 444 -26.26 2.86 -7.18
N SER A 445 -26.94 3.63 -6.34
CA SER A 445 -27.48 4.92 -6.77
C SER A 445 -26.68 6.08 -6.17
N LYS A 446 -26.35 5.97 -4.88
CA LYS A 446 -25.54 6.96 -4.19
C LYS A 446 -24.31 6.31 -3.58
N GLY A 447 -23.13 6.81 -3.89
CA GLY A 447 -21.92 6.28 -3.27
C GLY A 447 -20.73 7.18 -3.54
N ASN A 448 -19.55 6.72 -3.16
CA ASN A 448 -18.32 7.44 -3.43
C ASN A 448 -17.39 6.55 -4.27
N VAL A 449 -16.12 6.94 -4.39
CA VAL A 449 -15.17 6.20 -5.23
C VAL A 449 -14.96 4.74 -4.78
N GLY A 450 -15.26 4.45 -3.52
CA GLY A 450 -15.06 3.11 -2.99
C GLY A 450 -15.88 2.03 -3.69
N ARG A 451 -17.03 2.42 -4.23
CA ARG A 451 -17.86 1.51 -5.02
C ARG A 451 -17.12 0.96 -6.25
N PHE A 452 -16.03 1.59 -6.66
CA PHE A 452 -15.35 1.17 -7.89
C PHE A 452 -14.16 0.24 -7.62
N ILE A 453 -13.94 -0.12 -6.36
CA ILE A 453 -12.77 -0.92 -6.03
C ILE A 453 -13.04 -2.38 -6.32
N ASN A 454 -12.13 -3.01 -7.07
CA ASN A 454 -12.33 -4.39 -7.51
C ASN A 454 -11.84 -5.44 -6.50
N HIS A 455 -12.12 -6.70 -6.81
CA HIS A 455 -11.69 -7.83 -5.99
C HIS A 455 -10.33 -8.42 -6.43
N SER A 456 -9.49 -8.74 -5.47
CA SER A 456 -8.35 -9.58 -5.79
C SER A 456 -8.19 -10.69 -4.77
N CYS A 457 -7.77 -11.86 -5.24
CA CYS A 457 -7.43 -12.98 -4.36
C CYS A 457 -6.08 -12.76 -3.67
N SER A 458 -5.35 -11.74 -4.12
CA SER A 458 -4.12 -11.31 -3.48
C SER A 458 -4.15 -9.79 -3.29
N PRO A 459 -5.02 -9.32 -2.38
CA PRO A 459 -5.39 -7.90 -2.28
C PRO A 459 -4.34 -7.01 -1.61
N ASN A 460 -4.28 -5.74 -2.01
CA ASN A 460 -3.38 -4.81 -1.32
C ASN A 460 -4.12 -3.92 -0.31
N LEU A 461 -5.44 -4.09 -0.19
CA LEU A 461 -6.23 -3.37 0.81
C LEU A 461 -7.04 -4.33 1.70
N TYR A 462 -7.46 -3.86 2.87
CA TYR A 462 -8.48 -4.58 3.62
C TYR A 462 -9.52 -3.64 4.21
N ALA A 463 -10.68 -4.20 4.51
CA ALA A 463 -11.78 -3.51 5.17
C ALA A 463 -11.62 -3.51 6.70
N GLN A 464 -11.78 -2.33 7.29
CA GLN A 464 -11.60 -2.12 8.73
C GLN A 464 -12.81 -1.40 9.26
N ASN A 465 -13.47 -1.97 10.26
CA ASN A 465 -14.65 -1.34 10.86
C ASN A 465 -14.25 -0.24 11.83
N VAL A 466 -14.85 0.92 11.65
CA VAL A 466 -14.54 2.08 12.50
C VAL A 466 -15.80 2.73 13.03
N LEU A 467 -15.78 3.11 14.30
CA LEU A 467 -16.85 3.87 14.93
C LEU A 467 -16.36 5.22 15.48
N TYR A 468 -17.15 6.28 15.34
CA TYR A 468 -16.81 7.57 15.94
C TYR A 468 -18.03 8.48 16.18
N ASP A 469 -18.94 8.59 15.21
CA ASP A 469 -20.14 9.43 15.39
C ASP A 469 -21.31 8.68 16.06
N HIS A 470 -21.16 7.36 16.20
CA HIS A 470 -22.10 6.56 16.99
C HIS A 470 -21.38 5.32 17.50
N GLU A 471 -22.05 4.56 18.37
CA GLU A 471 -21.49 3.31 18.86
C GLU A 471 -22.35 2.10 18.50
N ASP A 472 -22.95 2.10 17.30
CA ASP A 472 -23.78 0.97 16.86
C ASP A 472 -22.93 -0.08 16.15
N SER A 473 -22.60 -1.15 16.89
CA SER A 473 -21.85 -2.30 16.39
C SER A 473 -22.36 -2.93 15.11
N ARG A 474 -23.66 -2.83 14.86
CA ARG A 474 -24.24 -3.46 13.68
C ARG A 474 -23.87 -2.73 12.38
N ILE A 475 -23.57 -1.45 12.49
CA ILE A 475 -23.33 -0.62 11.30
C ILE A 475 -22.10 0.27 11.43
N PRO A 476 -20.91 -0.34 11.60
CA PRO A 476 -19.70 0.48 11.62
C PRO A 476 -19.45 1.11 10.25
N HIS A 477 -18.61 2.14 10.22
CA HIS A 477 -18.07 2.60 8.96
C HIS A 477 -17.12 1.54 8.43
N VAL A 478 -17.17 1.32 7.12
CA VAL A 478 -16.24 0.44 6.45
C VAL A 478 -15.13 1.28 5.84
N PHE A 480 -11.31 1.42 4.20
CA PHE A 480 -10.26 0.61 3.57
C PHE A 480 -8.86 1.12 3.94
N PHE A 481 -7.98 0.21 4.35
CA PHE A 481 -6.57 0.52 4.60
C PHE A 481 -5.62 -0.29 3.71
N ALA A 482 -4.44 0.27 3.41
CA ALA A 482 -3.40 -0.45 2.68
C ALA A 482 -2.72 -1.49 3.58
N GLN A 483 -2.54 -2.71 3.08
CA GLN A 483 -1.78 -3.71 3.83
C GLN A 483 -0.46 -4.05 3.11
N ASP A 484 -0.13 -3.22 2.11
CA ASP A 484 1.13 -3.33 1.39
C ASP A 484 1.66 -1.91 1.17
N ASN A 485 2.95 -1.76 0.94
CA ASN A 485 3.45 -0.50 0.38
C ASN A 485 3.05 -0.48 -1.09
N ILE A 486 2.13 0.39 -1.47
CA ILE A 486 1.55 0.30 -2.80
C ILE A 486 2.20 1.27 -3.79
N PRO A 487 2.82 0.72 -4.84
CA PRO A 487 3.44 1.57 -5.85
C PRO A 487 2.38 2.41 -6.56
N PRO A 488 2.75 3.60 -7.05
CA PRO A 488 1.76 4.44 -7.73
C PRO A 488 1.15 3.74 -8.92
N LEU A 489 -0.15 3.95 -9.11
CA LEU A 489 -0.88 3.50 -10.28
C LEU A 489 -1.12 1.99 -10.27
N GLN A 490 -0.74 1.34 -9.17
CA GLN A 490 -1.11 -0.05 -8.96
C GLN A 490 -2.58 -0.08 -8.56
N GLU A 491 -3.35 -0.95 -9.20
CA GLU A 491 -4.77 -1.02 -8.89
C GLU A 491 -5.03 -1.34 -7.42
N LEU A 492 -5.97 -0.64 -6.79
CA LEU A 492 -6.37 -0.93 -5.42
C LEU A 492 -7.44 -2.02 -5.36
N CYS A 493 -7.26 -2.98 -4.46
CA CYS A 493 -8.14 -4.15 -4.41
C CYS A 493 -8.26 -4.73 -3.00
N TYR A 494 -9.45 -5.24 -2.68
CA TYR A 494 -9.63 -5.97 -1.42
C TYR A 494 -10.34 -7.31 -1.66
N ASP A 495 -10.55 -8.08 -0.61
CA ASP A 495 -11.23 -9.36 -0.74
C ASP A 495 -12.73 -9.23 -0.56
N TYR A 496 -13.50 -9.40 -1.63
CA TYR A 496 -14.95 -9.32 -1.57
C TYR A 496 -15.56 -10.30 -0.55
N ASN A 497 -14.90 -11.44 -0.38
CA ASN A 497 -15.26 -12.37 0.69
C ASN A 497 -16.65 -13.00 0.51
N TYR A 498 -17.09 -13.14 -0.73
CA TYR A 498 -18.31 -13.91 -1.00
C TYR A 498 -18.06 -15.37 -0.69
N ALA A 499 -19.08 -16.04 -0.16
CA ALA A 499 -19.04 -17.50 -0.04
C ALA A 499 -19.53 -18.13 -1.33
N LEU A 500 -18.79 -19.12 -1.83
CA LEU A 500 -19.16 -19.79 -3.08
C LEU A 500 -20.54 -20.46 -3.00
N ASP A 501 -21.31 -20.34 -4.08
CA ASP A 501 -22.60 -20.98 -4.24
C ASP A 501 -23.68 -20.45 -3.30
N GLN A 502 -23.54 -19.19 -2.88
CA GLN A 502 -24.56 -18.58 -2.03
C GLN A 502 -25.03 -17.26 -2.60
N VAL A 503 -24.51 -16.89 -3.78
CA VAL A 503 -25.01 -15.74 -4.51
C VAL A 503 -26.03 -16.22 -5.54
N ARG A 504 -27.25 -15.67 -5.48
CA ARG A 504 -28.35 -16.30 -6.20
C ARG A 504 -28.97 -15.45 -7.31
N ASP A 505 -29.65 -16.16 -8.19
CA ASP A 505 -30.28 -15.64 -9.41
C ASP A 505 -31.42 -14.66 -9.18
N SER A 506 -31.79 -13.93 -10.22
CA SER A 506 -33.02 -13.14 -10.24
C SER A 506 -34.24 -14.02 -10.00
N LYS A 507 -34.20 -15.24 -10.55
CA LYS A 507 -35.28 -16.22 -10.40
C LYS A 507 -35.06 -17.08 -9.15
N GLY A 508 -33.85 -16.99 -8.59
CA GLY A 508 -33.59 -17.51 -7.25
C GLY A 508 -32.65 -18.68 -7.05
N ASN A 509 -31.86 -19.06 -8.06
CA ASN A 509 -30.94 -20.18 -7.86
C ASN A 509 -29.46 -19.78 -8.03
N ILE A 510 -28.58 -20.74 -7.74
CA ILE A 510 -27.15 -20.51 -7.65
C ILE A 510 -26.55 -19.99 -8.95
N LYS A 511 -25.78 -18.92 -8.81
CA LYS A 511 -25.14 -18.27 -9.93
C LYS A 511 -23.63 -18.35 -9.75
N GLN A 512 -22.89 -18.36 -10.86
CA GLN A 512 -21.43 -18.34 -10.82
C GLN A 512 -20.84 -17.13 -11.53
N LYS A 513 -19.70 -16.66 -11.02
CA LYS A 513 -18.91 -15.66 -11.72
C LYS A 513 -17.42 -15.95 -11.55
N LEU A 514 -16.69 -15.94 -12.67
CA LEU A 514 -15.25 -16.19 -12.65
C LEU A 514 -14.46 -14.98 -12.11
N CYS A 515 -13.35 -15.25 -11.43
CA CYS A 515 -12.47 -14.19 -10.94
C CYS A 515 -11.34 -13.96 -11.93
N PHE A 516 -11.14 -12.70 -12.30
CA PHE A 516 -10.15 -12.33 -13.27
C PHE A 516 -9.03 -11.52 -12.60
N CYS A 517 -8.78 -11.76 -11.32
CA CYS A 517 -7.84 -10.90 -10.58
C CYS A 517 -6.38 -11.10 -11.01
N GLY A 518 -6.08 -12.21 -11.67
CA GLY A 518 -4.77 -12.44 -12.24
C GLY A 518 -3.70 -12.89 -11.25
N ALA A 519 -4.05 -12.99 -9.97
CA ALA A 519 -3.09 -13.39 -8.94
C ALA A 519 -2.63 -14.82 -9.16
N ALA A 520 -1.39 -15.10 -8.79
CA ALA A 520 -0.80 -16.42 -8.97
C ALA A 520 -1.57 -17.48 -8.18
N VAL A 521 -2.11 -17.09 -7.04
CA VAL A 521 -2.99 -18.00 -6.30
C VAL A 521 -4.39 -17.40 -6.28
N CYS A 522 -5.08 -17.58 -7.39
CA CYS A 522 -6.45 -17.11 -7.55
C CYS A 522 -7.42 -18.25 -7.24
N ARG A 523 -8.50 -17.93 -6.52
CA ARG A 523 -9.47 -18.94 -6.16
C ARG A 523 -10.51 -19.12 -7.27
N ARG A 524 -10.27 -18.47 -8.40
CA ARG A 524 -10.90 -18.77 -9.69
C ARG A 524 -12.38 -18.41 -9.80
N ARG A 525 -13.09 -18.38 -8.67
CA ARG A 525 -14.47 -17.94 -8.68
C ARG A 525 -14.68 -16.78 -7.71
N LEU A 526 -15.44 -15.80 -8.17
CA LEU A 526 -15.83 -14.64 -7.37
C LEU A 526 -16.94 -15.08 -6.41
N TYR A 527 -17.86 -15.88 -6.93
CA TYR A 527 -18.90 -16.51 -6.13
C TYR A 527 -19.46 -17.73 -6.85
#